data_3QCH
#
_entry.id   3QCH
#
_cell.length_a   75.800
_cell.length_b   75.800
_cell.length_c   152.900
_cell.angle_alpha   90.00
_cell.angle_beta   90.00
_cell.angle_gamma   120.00
#
_symmetry.space_group_name_H-M   'P 32 2 1'
#
loop_
_entity.id
_entity.type
_entity.pdbx_description
1 polymer 'Receptor-type tyrosine-protein phosphatase gamma'
2 non-polymer 3-[(3,4-dichlorobenzyl)sulfanyl]-N-(methylsulfonyl)thiophene-2-carboxamide
3 water water
#
_entity_poly.entity_id   1
_entity_poly.type   'polypeptide(L)'
_entity_poly.pdbx_seq_one_letter_code
;GSHMGSMEAIPVKQFVKHIGELYSNNQHGFSEDFEEVQRCTADMNITAEHSNHPENKHKNRYINILAYDHSRVKLRPLPG
KDSKHSDYINANYVDGYNKAKAYIATQGPLKSTFEDFWRMIWEQNTGIIVMITNLVEKGRRKCDQYWPTENSEEYGNIIV
TLKSTKIHACYTVRRFSIRNTKVKKGQKGNPKGRQNERVVIQYHYTQWPDMGVPEYALPVLTFVRRSSAARMPETGPVLV
HCSAGVGRTGTYIVIDSMLQQIKDKSTVNVLGFLKHIRTQRNYLVQTEEQYIFIHDALLEAILGKETEVS
;
_entity_poly.pdbx_strand_id   A
#
# COMPACT_ATOMS: atom_id res chain seq x y z
N MET A 7 13.92 -19.99 -8.35
CA MET A 7 13.54 -18.92 -7.38
C MET A 7 13.41 -19.45 -5.95
N GLU A 8 14.50 -19.95 -5.41
CA GLU A 8 14.60 -20.15 -3.97
C GLU A 8 15.02 -18.81 -3.36
N ALA A 9 14.76 -18.64 -2.08
CA ALA A 9 15.14 -17.42 -1.38
C ALA A 9 16.65 -17.29 -1.39
N ILE A 10 17.11 -16.05 -1.27
CA ILE A 10 18.53 -15.76 -1.17
C ILE A 10 18.89 -15.55 0.30
N PRO A 11 19.94 -16.23 0.78
CA PRO A 11 20.34 -16.05 2.18
C PRO A 11 20.71 -14.60 2.41
N VAL A 12 20.35 -14.08 3.58
CA VAL A 12 20.50 -12.65 3.81
C VAL A 12 21.95 -12.21 3.66
N LYS A 13 22.89 -13.10 4.00
CA LYS A 13 24.31 -12.74 3.99
C LYS A 13 24.87 -12.54 2.60
N GLN A 14 24.11 -12.92 1.59
CA GLN A 14 24.59 -12.82 0.20
C GLN A 14 23.75 -11.84 -0.60
N PHE A 15 22.78 -11.24 0.06
CA PHE A 15 21.81 -10.43 -0.65
C PHE A 15 22.38 -9.10 -1.12
N VAL A 16 23.21 -8.47 -0.31
CA VAL A 16 23.84 -7.22 -0.71
C VAL A 16 24.83 -7.50 -1.84
N LYS A 17 25.54 -8.61 -1.74
CA LYS A 17 26.36 -9.06 -2.86
C LYS A 17 25.51 -9.11 -4.13
N HIS A 18 24.28 -9.59 -3.99
CA HIS A 18 23.42 -9.79 -5.14
C HIS A 18 22.87 -8.46 -5.65
N ILE A 19 22.68 -7.52 -4.75
CA ILE A 19 22.37 -6.15 -5.14
C ILE A 19 23.49 -5.54 -5.99
N GLY A 20 24.74 -5.77 -5.59
CA GLY A 20 25.86 -5.34 -6.42
C GLY A 20 25.73 -5.83 -7.86
N GLU A 21 25.39 -7.10 -8.03
CA GLU A 21 25.33 -7.67 -9.37
C GLU A 21 24.16 -7.11 -10.18
N LEU A 22 23.01 -6.95 -9.53
CA LEU A 22 21.86 -6.38 -10.22
C LEU A 22 22.16 -4.97 -10.69
N TYR A 23 22.91 -4.23 -9.89
CA TYR A 23 23.25 -2.84 -10.22
C TYR A 23 24.25 -2.76 -11.36
N SER A 24 25.10 -3.77 -11.50
CA SER A 24 26.24 -3.66 -12.39
C SER A 24 25.81 -3.44 -13.83
N ASN A 25 26.73 -2.90 -14.62
CA ASN A 25 26.49 -2.74 -16.05
C ASN A 25 25.16 -2.03 -16.27
N ASN A 26 25.04 -0.85 -15.66
CA ASN A 26 23.88 -0.02 -15.83
C ASN A 26 22.59 -0.73 -15.48
N GLN A 27 22.63 -1.49 -14.39
CA GLN A 27 21.41 -2.01 -13.81
C GLN A 27 20.73 -2.98 -14.78
N HIS A 28 21.54 -3.68 -15.57
CA HIS A 28 21.06 -4.70 -16.48
C HIS A 28 20.25 -5.75 -15.70
N GLY A 29 20.79 -6.16 -14.56
CA GLY A 29 20.15 -7.20 -13.76
C GLY A 29 18.81 -6.77 -13.20
N PHE A 30 18.73 -5.55 -12.66
CA PHE A 30 17.45 -5.03 -12.19
C PHE A 30 16.44 -5.03 -13.35
N SER A 31 16.93 -4.72 -14.54
CA SER A 31 16.07 -4.58 -15.72
C SER A 31 15.49 -5.93 -16.15
N GLU A 32 16.34 -6.93 -16.30
CA GLU A 32 15.88 -8.29 -16.52
C GLU A 32 14.83 -8.71 -15.50
N ASP A 33 15.09 -8.48 -14.21
CA ASP A 33 14.15 -8.88 -13.17
C ASP A 33 12.76 -8.26 -13.32
N PHE A 34 12.71 -6.97 -13.59
CA PHE A 34 11.45 -6.23 -13.58
C PHE A 34 10.68 -6.52 -14.87
N GLU A 35 11.43 -6.78 -15.94
CA GLU A 35 10.85 -7.24 -17.19
C GLU A 35 10.16 -8.58 -16.97
N GLU A 36 10.75 -9.41 -16.11
CA GLU A 36 10.20 -10.71 -15.79
C GLU A 36 8.89 -10.52 -15.02
N VAL A 37 8.92 -9.59 -14.06
CA VAL A 37 7.75 -9.25 -13.28
C VAL A 37 6.60 -8.81 -14.21
N GLN A 38 6.87 -7.83 -15.07
CA GLN A 38 5.84 -7.30 -15.95
C GLN A 38 5.31 -8.33 -16.94
N ARG A 39 6.13 -9.32 -17.25
CA ARG A 39 5.76 -10.40 -18.16
C ARG A 39 4.99 -11.52 -17.48
N CYS A 40 5.16 -11.67 -16.16
CA CYS A 40 4.63 -12.83 -15.46
C CYS A 40 3.11 -12.82 -15.36
N THR A 41 2.49 -11.89 -16.05
CA THR A 41 1.04 -11.89 -16.22
C THR A 41 0.71 -12.43 -17.62
N ALA A 42 1.74 -12.58 -18.44
CA ALA A 42 1.57 -12.82 -19.88
C ALA A 42 0.46 -13.82 -20.17
N ASP A 43 0.67 -15.06 -19.73
CA ASP A 43 -0.25 -16.14 -20.03
C ASP A 43 -1.30 -16.19 -18.94
N MET A 44 -1.69 -15.00 -18.47
CA MET A 44 -2.60 -14.90 -17.34
C MET A 44 -3.70 -13.86 -17.56
N ASN A 45 -4.92 -14.33 -17.75
CA ASN A 45 -6.07 -13.45 -17.83
C ASN A 45 -6.63 -13.35 -16.41
N ILE A 46 -6.74 -12.14 -15.89
CA ILE A 46 -7.37 -11.94 -14.59
C ILE A 46 -8.53 -10.98 -14.75
N THR A 47 -9.72 -11.40 -14.32
CA THR A 47 -10.93 -10.63 -14.57
C THR A 47 -11.10 -9.50 -13.56
N ALA A 48 -11.67 -8.38 -14.03
CA ALA A 48 -12.00 -7.25 -13.18
C ALA A 48 -13.30 -6.63 -13.64
N GLU A 49 -14.34 -7.46 -13.74
CA GLU A 49 -15.58 -7.05 -14.38
C GLU A 49 -16.27 -5.96 -13.59
N HIS A 50 -16.21 -6.07 -12.27
CA HIS A 50 -16.82 -5.07 -11.40
C HIS A 50 -16.20 -3.69 -11.60
N SER A 51 -14.87 -3.64 -11.66
CA SER A 51 -14.18 -2.37 -11.85
C SER A 51 -14.66 -1.70 -13.12
N ASN A 52 -15.02 -2.50 -14.12
CA ASN A 52 -15.37 -1.98 -15.44
C ASN A 52 -16.86 -1.70 -15.63
N HIS A 53 -17.64 -1.88 -14.58
CA HIS A 53 -19.08 -1.72 -14.71
C HIS A 53 -19.51 -0.26 -14.60
N PRO A 54 -20.43 0.18 -15.47
CA PRO A 54 -20.83 1.57 -15.65
C PRO A 54 -21.18 2.28 -14.36
N GLU A 55 -21.74 1.53 -13.41
CA GLU A 55 -22.09 2.11 -12.12
C GLU A 55 -20.81 2.44 -11.35
N ASN A 56 -19.79 1.62 -11.54
CA ASN A 56 -18.60 1.67 -10.69
C ASN A 56 -17.51 2.57 -11.24
N LYS A 57 -17.66 3.02 -12.47
CA LYS A 57 -16.60 3.76 -13.14
C LYS A 57 -16.22 5.09 -12.47
N HIS A 58 -17.20 5.81 -11.95
CA HIS A 58 -16.90 7.07 -11.29
C HIS A 58 -16.16 6.80 -9.98
N LYS A 59 -16.14 5.53 -9.58
CA LYS A 59 -15.49 5.12 -8.32
C LYS A 59 -14.02 4.78 -8.51
N ASN A 60 -13.56 4.78 -9.76
CA ASN A 60 -12.14 4.63 -10.03
C ASN A 60 -11.47 5.97 -10.32
N ARG A 61 -10.33 6.20 -9.66
CA ARG A 61 -9.51 7.39 -9.89
C ARG A 61 -8.93 7.43 -11.30
N TYR A 62 -8.22 6.37 -11.68
CA TYR A 62 -7.67 6.22 -13.03
C TYR A 62 -8.36 5.07 -13.76
N ILE A 63 -8.72 5.30 -15.02
CA ILE A 63 -9.51 4.32 -15.77
C ILE A 63 -8.82 2.96 -15.85
N ASN A 64 -7.51 2.95 -16.07
CA ASN A 64 -6.81 1.72 -16.33
C ASN A 64 -6.25 1.06 -15.07
N ILE A 65 -6.55 1.61 -13.91
CA ILE A 65 -6.09 1.00 -12.67
C ILE A 65 -7.26 0.30 -11.95
N LEU A 66 -7.31 -1.01 -12.06
CA LEU A 66 -8.52 -1.74 -11.69
C LEU A 66 -8.32 -2.63 -10.48
N ALA A 67 -9.42 -3.14 -9.95
CA ALA A 67 -9.40 -4.07 -8.83
C ALA A 67 -9.82 -5.47 -9.28
N TYR A 68 -8.89 -6.42 -9.21
CA TYR A 68 -9.15 -7.78 -9.67
C TYR A 68 -10.29 -8.40 -8.86
N ASP A 69 -11.24 -9.03 -9.56
CA ASP A 69 -12.43 -9.60 -8.91
C ASP A 69 -12.09 -10.54 -7.75
N HIS A 70 -11.13 -11.42 -7.94
CA HIS A 70 -10.94 -12.49 -6.97
C HIS A 70 -10.48 -12.01 -5.62
N SER A 71 -9.72 -10.92 -5.60
CA SER A 71 -9.10 -10.42 -4.36
C SER A 71 -9.72 -9.12 -3.87
N ARG A 72 -10.65 -8.59 -4.66
CA ARG A 72 -11.22 -7.29 -4.34
C ARG A 72 -11.87 -7.28 -2.96
N VAL A 73 -11.72 -6.16 -2.25
CA VAL A 73 -12.43 -6.01 -0.97
C VAL A 73 -13.88 -5.69 -1.23
N LYS A 74 -14.77 -6.44 -0.58
CA LYS A 74 -16.20 -6.26 -0.78
C LYS A 74 -16.79 -5.45 0.36
N LEU A 75 -17.53 -4.40 -0.01
CA LEU A 75 -18.32 -3.65 0.95
C LEU A 75 -19.59 -4.47 1.19
N ARG A 76 -20.03 -4.58 2.45
CA ARG A 76 -21.38 -5.05 2.74
C ARG A 76 -22.36 -4.17 1.95
N PRO A 77 -23.28 -4.79 1.20
CA PRO A 77 -24.18 -4.02 0.33
C PRO A 77 -25.25 -3.22 1.09
N LEU A 78 -25.70 -2.13 0.48
CA LEU A 78 -26.64 -1.23 1.14
C LEU A 78 -28.05 -1.31 0.55
N PRO A 79 -29.07 -1.25 1.42
CA PRO A 79 -30.49 -1.22 1.02
C PRO A 79 -30.83 0.01 0.17
N SER A 83 -28.86 -1.30 -3.76
CA SER A 83 -28.28 -1.18 -5.10
C SER A 83 -27.19 -2.23 -5.32
N LYS A 84 -27.12 -2.74 -6.54
CA LYS A 84 -26.37 -3.97 -6.83
C LYS A 84 -24.85 -3.75 -6.87
N HIS A 85 -24.42 -2.51 -6.75
CA HIS A 85 -23.01 -2.20 -6.91
C HIS A 85 -22.44 -1.39 -5.75
N SER A 86 -23.26 -1.19 -4.72
CA SER A 86 -22.83 -0.50 -3.53
C SER A 86 -21.83 -1.34 -2.77
N ASP A 87 -21.40 -2.45 -3.37
CA ASP A 87 -20.48 -3.35 -2.71
C ASP A 87 -19.06 -3.10 -3.20
N TYR A 88 -18.95 -2.32 -4.27
CA TYR A 88 -17.66 -2.08 -4.92
C TYR A 88 -16.80 -0.93 -4.38
N ILE A 89 -15.50 -1.19 -4.24
CA ILE A 89 -14.50 -0.16 -4.01
C ILE A 89 -13.20 -0.60 -4.67
N ASN A 90 -12.44 0.34 -5.22
CA ASN A 90 -11.21 -0.02 -5.90
C ASN A 90 -10.10 -0.35 -4.89
N ALA A 91 -10.00 -1.62 -4.56
CA ALA A 91 -9.18 -2.10 -3.45
C ALA A 91 -9.05 -3.63 -3.51
N ASN A 92 -7.88 -4.14 -3.14
CA ASN A 92 -7.66 -5.59 -3.10
C ASN A 92 -6.93 -6.00 -1.83
N TYR A 93 -7.23 -7.19 -1.35
CA TYR A 93 -6.43 -7.81 -0.30
C TYR A 93 -5.11 -8.23 -0.93
N VAL A 94 -4.05 -8.15 -0.15
CA VAL A 94 -2.73 -8.56 -0.61
C VAL A 94 -2.04 -9.28 0.55
N ASP A 95 -1.18 -10.24 0.23
CA ASP A 95 -0.55 -11.04 1.27
C ASP A 95 0.65 -10.34 1.86
N GLY A 96 0.90 -10.60 3.14
CA GLY A 96 2.15 -10.23 3.73
C GLY A 96 3.02 -11.47 3.77
N TYR A 97 4.11 -11.42 4.53
CA TYR A 97 4.97 -12.57 4.64
C TYR A 97 4.28 -13.65 5.48
N ASN A 98 4.18 -14.85 4.93
CA ASN A 98 3.63 -15.98 5.69
C ASN A 98 2.29 -15.61 6.33
N LYS A 99 1.50 -14.81 5.61
CA LYS A 99 0.17 -14.45 6.06
C LYS A 99 -0.67 -14.02 4.86
N ALA A 100 -1.97 -14.33 4.88
CA ALA A 100 -2.83 -13.98 3.76
C ALA A 100 -3.65 -12.74 4.12
N LYS A 101 -3.89 -11.89 3.12
CA LYS A 101 -4.63 -10.66 3.34
C LYS A 101 -4.08 -9.87 4.52
N ALA A 102 -2.77 -9.67 4.55
CA ALA A 102 -2.19 -8.84 5.60
C ALA A 102 -2.46 -7.36 5.31
N TYR A 103 -2.74 -7.06 4.03
CA TYR A 103 -2.89 -5.70 3.58
C TYR A 103 -4.17 -5.54 2.80
N ILE A 104 -4.72 -4.33 2.86
CA ILE A 104 -5.54 -3.82 1.78
C ILE A 104 -4.79 -2.71 1.05
N ALA A 105 -4.57 -2.90 -0.24
CA ALA A 105 -3.96 -1.90 -1.08
C ALA A 105 -5.07 -1.23 -1.85
N THR A 106 -5.19 0.08 -1.72
CA THR A 106 -6.27 0.75 -2.44
C THR A 106 -5.84 2.12 -2.92
N GLN A 107 -6.62 2.67 -3.84
CA GLN A 107 -6.35 4.00 -4.36
C GLN A 107 -6.59 5.05 -3.29
N GLY A 108 -5.99 6.22 -3.46
CA GLY A 108 -6.39 7.35 -2.63
C GLY A 108 -7.84 7.66 -2.93
N PRO A 109 -8.68 7.77 -1.90
CA PRO A 109 -10.13 7.95 -2.04
C PRO A 109 -10.56 9.30 -2.62
N LEU A 110 -11.55 9.25 -3.51
CA LEU A 110 -12.14 10.42 -4.12
C LEU A 110 -13.19 11.02 -3.19
N LYS A 111 -13.64 12.23 -3.50
CA LYS A 111 -14.80 12.80 -2.82
C LYS A 111 -15.95 11.79 -2.81
N SER A 112 -16.28 11.29 -4.00
CA SER A 112 -17.45 10.44 -4.18
C SER A 112 -17.29 9.04 -3.56
N THR A 113 -16.14 8.74 -2.98
CA THR A 113 -15.95 7.43 -2.34
C THR A 113 -15.39 7.49 -0.91
N PHE A 114 -15.51 8.65 -0.25
CA PHE A 114 -15.07 8.78 1.14
C PHE A 114 -15.88 7.90 2.08
N GLU A 115 -17.17 7.74 1.78
CA GLU A 115 -18.05 6.95 2.62
C GLU A 115 -17.63 5.49 2.53
N ASP A 116 -17.47 5.03 1.30
CA ASP A 116 -17.08 3.65 1.05
C ASP A 116 -15.77 3.38 1.75
N PHE A 117 -14.86 4.35 1.69
CA PHE A 117 -13.52 4.19 2.23
C PHE A 117 -13.52 3.96 3.74
N TRP A 118 -14.31 4.74 4.45
CA TRP A 118 -14.36 4.59 5.89
C TRP A 118 -15.22 3.41 6.31
N ARG A 119 -16.16 3.04 5.45
CA ARG A 119 -17.00 1.88 5.72
C ARG A 119 -16.13 0.63 5.69
N MET A 120 -15.44 0.45 4.57
CA MET A 120 -14.44 -0.59 4.43
C MET A 120 -13.53 -0.64 5.64
N ILE A 121 -13.07 0.51 6.09
CA ILE A 121 -12.20 0.55 7.26
C ILE A 121 -12.89 -0.07 8.47
N TRP A 122 -14.18 0.23 8.63
CA TRP A 122 -14.93 -0.29 9.76
C TRP A 122 -15.19 -1.79 9.58
N GLU A 123 -15.85 -2.14 8.48
CA GLU A 123 -16.23 -3.52 8.22
C GLU A 123 -15.03 -4.45 8.30
N GLN A 124 -13.89 -4.02 7.75
CA GLN A 124 -12.69 -4.83 7.76
C GLN A 124 -11.90 -4.70 9.05
N ASN A 125 -12.33 -3.82 9.94
CA ASN A 125 -11.69 -3.75 11.25
C ASN A 125 -10.22 -3.29 11.14
N THR A 126 -9.93 -2.52 10.10
CA THR A 126 -8.59 -1.97 9.92
C THR A 126 -8.24 -1.03 11.07
N GLY A 127 -6.99 -1.08 11.53
CA GLY A 127 -6.58 -0.21 12.62
C GLY A 127 -5.34 0.64 12.31
N ILE A 128 -4.84 0.52 11.09
CA ILE A 128 -3.66 1.24 10.66
C ILE A 128 -3.82 1.68 9.22
N ILE A 129 -3.56 2.95 8.96
CA ILE A 129 -3.54 3.46 7.60
C ILE A 129 -2.11 3.83 7.24
N VAL A 130 -1.72 3.54 6.00
CA VAL A 130 -0.42 3.97 5.52
C VAL A 130 -0.64 4.75 4.25
N MET A 131 -0.38 6.05 4.34
CA MET A 131 -0.58 6.96 3.22
C MET A 131 0.76 7.36 2.65
N ILE A 132 0.97 7.11 1.38
CA ILE A 132 2.30 7.26 0.79
C ILE A 132 2.21 8.22 -0.37
N THR A 133 1.56 9.34 -0.15
CA THR A 133 1.46 10.34 -1.19
C THR A 133 1.28 11.69 -0.50
N ASN A 134 1.50 12.78 -1.23
CA ASN A 134 1.00 14.06 -0.77
C ASN A 134 -0.31 14.30 -1.50
N LEU A 135 -1.23 15.02 -0.85
CA LEU A 135 -2.48 15.39 -1.49
C LEU A 135 -2.21 16.03 -2.84
N VAL A 136 -1.18 16.87 -2.90
CA VAL A 136 -0.73 17.44 -4.16
C VAL A 136 0.77 17.22 -4.31
N GLU A 137 1.20 16.90 -5.53
CA GLU A 137 2.62 16.74 -5.80
C GLU A 137 2.99 17.27 -7.17
N LYS A 138 3.98 18.16 -7.21
CA LYS A 138 4.44 18.77 -8.45
C LYS A 138 3.31 19.50 -9.15
N GLY A 139 2.32 19.95 -8.38
CA GLY A 139 1.23 20.72 -8.94
C GLY A 139 0.02 19.91 -9.42
N ARG A 140 0.09 18.59 -9.27
CA ARG A 140 -0.98 17.70 -9.72
C ARG A 140 -1.68 17.02 -8.55
N ARG A 141 -3.01 16.98 -8.59
CA ARG A 141 -3.80 16.43 -7.48
C ARG A 141 -3.67 14.91 -7.41
N LYS A 142 -3.19 14.41 -6.28
CA LYS A 142 -2.94 12.98 -6.11
C LYS A 142 -4.04 12.30 -5.26
N CYS A 143 -4.64 13.06 -4.35
CA CYS A 143 -5.54 12.49 -3.35
C CYS A 143 -6.37 13.62 -2.71
N ASP A 144 -7.66 13.39 -2.52
CA ASP A 144 -8.54 14.35 -1.83
C ASP A 144 -8.52 14.01 -0.35
N GLN A 145 -8.55 15.02 0.51
CA GLN A 145 -8.34 14.79 1.94
C GLN A 145 -9.55 14.09 2.56
N TYR A 146 -9.33 12.91 3.13
CA TYR A 146 -10.44 12.08 3.57
C TYR A 146 -10.61 12.11 5.08
N TRP A 147 -9.74 12.86 5.76
CA TRP A 147 -9.86 13.02 7.20
C TRP A 147 -10.07 14.50 7.55
N PRO A 148 -10.45 14.79 8.81
CA PRO A 148 -10.68 16.15 9.28
C PRO A 148 -9.38 16.91 9.55
N THR A 149 -9.27 18.11 9.01
CA THR A 149 -8.17 19.02 9.34
C THR A 149 -8.06 19.24 10.83
N GLU A 150 -9.20 19.38 11.50
CA GLU A 150 -9.21 19.35 12.96
C GLU A 150 -10.56 18.90 13.50
N ASN A 151 -10.55 18.39 14.73
CA ASN A 151 -11.75 17.88 15.37
C ASN A 151 -12.42 16.76 14.57
N SER A 152 -13.73 16.85 14.41
CA SER A 152 -14.48 15.75 13.81
C SER A 152 -15.02 16.06 12.42
N GLU A 153 -15.18 14.99 11.64
CA GLU A 153 -15.90 15.06 10.38
C GLU A 153 -16.69 13.75 10.25
N GLU A 154 -17.79 13.81 9.54
CA GLU A 154 -18.66 12.65 9.42
C GLU A 154 -18.72 12.16 7.98
N TYR A 155 -18.50 10.86 7.81
CA TYR A 155 -18.62 10.26 6.48
C TYR A 155 -19.59 9.08 6.55
N GLY A 156 -20.71 9.20 5.84
CA GLY A 156 -21.76 8.22 5.99
C GLY A 156 -22.08 8.05 7.46
N ASN A 157 -22.01 6.81 7.94
CA ASN A 157 -22.31 6.51 9.33
C ASN A 157 -21.05 6.42 10.20
N ILE A 158 -19.93 6.93 9.66
CA ILE A 158 -18.68 6.92 10.41
C ILE A 158 -18.26 8.34 10.75
N ILE A 159 -18.09 8.62 12.04
CA ILE A 159 -17.64 9.93 12.48
C ILE A 159 -16.17 9.83 12.85
N VAL A 160 -15.36 10.67 12.21
CA VAL A 160 -13.92 10.62 12.41
C VAL A 160 -13.45 11.81 13.23
N THR A 161 -12.72 11.53 14.29
CA THR A 161 -12.24 12.57 15.18
C THR A 161 -10.73 12.55 15.30
N LEU A 162 -10.10 13.68 14.96
CA LEU A 162 -8.66 13.81 15.10
C LEU A 162 -8.31 14.07 16.56
N LYS A 163 -7.37 13.30 17.09
CA LYS A 163 -7.10 13.32 18.52
C LYS A 163 -5.69 13.84 18.81
N SER A 164 -4.81 13.75 17.82
CA SER A 164 -3.38 13.77 18.08
C SER A 164 -2.61 13.78 16.76
N THR A 165 -1.56 14.58 16.70
CA THR A 165 -0.69 14.62 15.52
C THR A 165 0.76 14.82 15.93
N LYS A 166 1.65 14.09 15.29
CA LYS A 166 3.08 14.32 15.45
C LYS A 166 3.71 14.39 14.07
N ILE A 167 4.36 15.50 13.79
CA ILE A 167 4.93 15.77 12.47
C ILE A 167 6.42 15.60 12.55
N HIS A 168 6.95 14.63 11.83
CA HIS A 168 8.39 14.37 11.81
C HIS A 168 8.95 14.97 10.54
N ALA A 169 10.26 14.89 10.40
CA ALA A 169 10.92 15.38 9.22
C ALA A 169 10.29 14.79 7.96
N CYS A 170 10.09 13.47 7.94
CA CYS A 170 9.77 12.78 6.70
C CYS A 170 8.36 12.23 6.62
N TYR A 171 7.68 12.15 7.75
CA TYR A 171 6.33 11.63 7.76
C TYR A 171 5.57 12.20 8.94
N THR A 172 4.25 12.15 8.86
CA THR A 172 3.39 12.58 9.95
C THR A 172 2.53 11.42 10.44
N VAL A 173 2.28 11.41 11.74
CA VAL A 173 1.43 10.41 12.37
C VAL A 173 0.17 11.04 12.95
N ARG A 174 -0.98 10.66 12.41
CA ARG A 174 -2.25 11.13 12.97
C ARG A 174 -3.02 10.02 13.68
N ARG A 175 -3.38 10.26 14.95
CA ARG A 175 -4.23 9.34 15.69
C ARG A 175 -5.67 9.80 15.67
N PHE A 176 -6.50 9.07 14.93
CA PHE A 176 -7.93 9.31 14.87
C PHE A 176 -8.68 8.42 15.83
N SER A 177 -9.85 8.89 16.26
CA SER A 177 -10.84 8.03 16.87
C SER A 177 -12.08 8.01 15.99
N ILE A 178 -12.58 6.81 15.69
CA ILE A 178 -13.79 6.71 14.89
C ILE A 178 -14.89 5.91 15.58
N ARG A 179 -16.14 6.29 15.29
CA ARG A 179 -17.30 5.64 15.89
C ARG A 179 -18.36 5.41 14.83
N ASN A 180 -19.02 4.26 14.91
CA ASN A 180 -20.16 3.99 14.04
C ASN A 180 -21.44 4.44 14.73
N THR A 181 -22.15 5.39 14.11
CA THR A 181 -23.42 5.87 14.64
C THR A 181 -24.43 4.72 14.58
N LYS A 182 -24.15 3.76 13.69
CA LYS A 182 -24.98 2.59 13.46
C LYS A 182 -26.28 2.98 12.78
N GLN A 195 -21.92 4.39 18.99
CA GLN A 195 -21.56 4.11 20.39
C GLN A 195 -20.27 3.31 20.47
N ASN A 196 -20.06 2.40 19.53
CA ASN A 196 -18.84 1.60 19.50
C ASN A 196 -17.71 2.36 18.77
N GLU A 197 -16.57 2.46 19.43
CA GLU A 197 -15.48 3.31 18.99
C GLU A 197 -14.19 2.52 18.80
N ARG A 198 -13.35 2.99 17.87
CA ARG A 198 -12.01 2.40 17.68
C ARG A 198 -10.94 3.46 17.42
N VAL A 199 -9.72 3.15 17.83
CA VAL A 199 -8.55 3.92 17.46
C VAL A 199 -8.00 3.48 16.10
N VAL A 200 -7.80 4.44 15.22
CA VAL A 200 -7.21 4.20 13.92
C VAL A 200 -6.06 5.18 13.73
N ILE A 201 -4.85 4.66 13.48
CA ILE A 201 -3.67 5.50 13.28
C ILE A 201 -3.19 5.53 11.84
N GLN A 202 -2.98 6.76 11.35
CA GLN A 202 -2.54 7.00 9.99
C GLN A 202 -1.07 7.40 9.97
N TYR A 203 -0.25 6.61 9.29
CA TYR A 203 1.11 6.97 9.00
C TYR A 203 1.22 7.54 7.60
N HIS A 204 1.62 8.81 7.54
CA HIS A 204 1.57 9.56 6.31
C HIS A 204 3.02 9.92 5.98
N TYR A 205 3.54 9.40 4.85
CA TYR A 205 4.87 9.79 4.38
C TYR A 205 4.72 10.99 3.48
N THR A 206 5.36 12.09 3.87
CA THR A 206 5.04 13.43 3.41
C THR A 206 6.15 14.04 2.59
N GLN A 207 7.33 13.43 2.65
CA GLN A 207 8.53 14.04 2.08
C GLN A 207 8.74 13.68 0.61
N TRP A 208 8.35 14.59 -0.27
CA TRP A 208 8.39 14.29 -1.70
C TRP A 208 9.12 15.36 -2.50
N PRO A 209 10.02 14.93 -3.40
CA PRO A 209 10.88 15.83 -4.16
C PRO A 209 10.07 16.71 -5.12
N ASP A 210 10.51 17.95 -5.27
CA ASP A 210 9.88 18.85 -6.24
C ASP A 210 10.18 18.32 -7.63
N MET A 211 11.40 17.81 -7.82
CA MET A 211 11.80 17.19 -9.08
C MET A 211 12.25 15.74 -8.88
N GLY A 212 11.93 14.89 -9.86
CA GLY A 212 12.38 13.51 -9.81
C GLY A 212 11.65 12.66 -8.78
N VAL A 213 12.40 11.78 -8.12
CA VAL A 213 11.84 10.78 -7.19
C VAL A 213 12.85 10.44 -6.09
N PRO A 214 12.39 9.75 -5.01
CA PRO A 214 13.22 9.43 -3.85
C PRO A 214 14.54 8.72 -4.17
N GLU A 215 15.49 8.82 -3.23
CA GLU A 215 16.91 8.64 -3.53
C GLU A 215 17.77 8.23 -2.32
N TYR A 216 17.22 8.38 -1.12
CA TYR A 216 17.80 7.78 0.07
C TYR A 216 16.72 6.90 0.70
N ALA A 217 17.05 5.65 0.99
CA ALA A 217 16.03 4.72 1.44
C ALA A 217 15.89 4.67 2.96
N LEU A 218 16.87 5.19 3.69
CA LEU A 218 16.84 5.06 5.14
C LEU A 218 15.58 5.64 5.78
N PRO A 219 15.14 6.84 5.35
CA PRO A 219 13.94 7.45 5.96
C PRO A 219 12.71 6.58 5.72
N VAL A 220 12.61 6.00 4.53
CA VAL A 220 11.52 5.09 4.22
C VAL A 220 11.60 3.83 5.09
N LEU A 221 12.81 3.32 5.27
CA LEU A 221 13.00 2.12 6.07
C LEU A 221 12.53 2.34 7.51
N THR A 222 12.75 3.54 8.03
CA THR A 222 12.35 3.84 9.40
C THR A 222 10.83 4.03 9.43
N PHE A 223 10.30 4.72 8.44
CA PHE A 223 8.86 4.85 8.30
C PHE A 223 8.17 3.48 8.29
N VAL A 224 8.69 2.57 7.47
CA VAL A 224 8.14 1.20 7.37
C VAL A 224 8.25 0.45 8.71
N ARG A 225 9.44 0.49 9.33
CA ARG A 225 9.63 -0.23 10.59
C ARG A 225 8.64 0.24 11.62
N ARG A 226 8.44 1.54 11.69
CA ARG A 226 7.60 2.09 12.74
C ARG A 226 6.14 1.89 12.47
N SER A 227 5.72 2.09 11.22
CA SER A 227 4.34 1.82 10.87
C SER A 227 4.00 0.34 10.98
N SER A 228 4.89 -0.54 10.52
CA SER A 228 4.60 -1.96 10.58
C SER A 228 4.48 -2.37 12.04
N ALA A 229 5.28 -1.76 12.90
CA ALA A 229 5.31 -2.13 14.32
C ALA A 229 4.05 -1.69 15.07
N ALA A 230 3.33 -0.73 14.51
CA ALA A 230 2.13 -0.23 15.18
C ALA A 230 0.93 -1.14 15.01
N ARG A 231 1.04 -2.16 14.14
CA ARG A 231 -0.07 -3.09 13.92
C ARG A 231 -0.41 -3.81 15.22
N MET A 232 -1.69 -3.96 15.48
CA MET A 232 -2.15 -4.65 16.68
C MET A 232 -2.52 -6.10 16.38
N PRO A 233 -2.12 -7.02 17.28
CA PRO A 233 -2.47 -8.43 17.11
C PRO A 233 -3.98 -8.59 17.05
N GLU A 234 -4.45 -9.52 16.21
CA GLU A 234 -5.88 -9.73 16.06
C GLU A 234 -6.59 -8.44 15.70
N THR A 235 -6.06 -7.74 14.69
CA THR A 235 -6.80 -6.68 14.01
C THR A 235 -6.96 -7.01 12.54
N GLY A 236 -7.72 -6.19 11.83
CA GLY A 236 -7.86 -6.41 10.39
C GLY A 236 -6.63 -6.04 9.59
N PRO A 237 -6.72 -6.15 8.27
CA PRO A 237 -5.57 -5.89 7.39
C PRO A 237 -5.12 -4.43 7.45
N VAL A 238 -3.85 -4.19 7.11
CA VAL A 238 -3.33 -2.82 7.05
C VAL A 238 -3.73 -2.13 5.74
N LEU A 239 -4.39 -0.98 5.84
CA LEU A 239 -4.71 -0.23 4.64
C LEU A 239 -3.49 0.56 4.16
N VAL A 240 -3.21 0.45 2.88
CA VAL A 240 -2.06 1.09 2.27
C VAL A 240 -2.56 1.69 0.96
N HIS A 241 -2.38 3.00 0.81
CA HIS A 241 -2.76 3.67 -0.43
C HIS A 241 -1.75 4.74 -0.78
N CYS A 242 -1.62 5.01 -2.06
CA CYS A 242 -0.91 6.20 -2.48
C CYS A 242 -1.90 7.01 -3.31
N SER A 243 -1.58 7.29 -4.56
CA SER A 243 -2.56 7.89 -5.44
C SER A 243 -3.36 6.79 -6.15
N ALA A 244 -2.72 6.09 -7.08
CA ALA A 244 -3.36 5.02 -7.82
C ALA A 244 -3.45 3.74 -7.00
N GLY A 245 -2.54 3.61 -6.03
CA GLY A 245 -2.61 2.50 -5.11
C GLY A 245 -1.92 1.23 -5.59
N VAL A 246 -0.99 1.38 -6.52
CA VAL A 246 -0.20 0.25 -7.02
C VAL A 246 1.32 0.44 -6.89
N GLY A 247 1.82 1.65 -7.21
CA GLY A 247 3.25 1.85 -7.25
C GLY A 247 3.95 1.90 -5.90
N ARG A 248 3.63 2.89 -5.08
CA ARG A 248 4.31 3.05 -3.82
C ARG A 248 3.68 2.12 -2.82
N THR A 249 2.41 1.83 -3.05
CA THR A 249 1.70 0.82 -2.26
C THR A 249 2.45 -0.51 -2.35
N GLY A 250 2.79 -0.92 -3.56
CA GLY A 250 3.50 -2.18 -3.73
C GLY A 250 4.88 -2.18 -3.09
N THR A 251 5.55 -1.04 -3.16
CA THR A 251 6.91 -0.88 -2.65
C THR A 251 6.91 -1.04 -1.14
N TYR A 252 5.90 -0.46 -0.49
CA TYR A 252 5.78 -0.56 0.95
C TYR A 252 5.62 -2.03 1.33
N ILE A 253 4.67 -2.68 0.65
CA ILE A 253 4.27 -4.03 0.94
C ILE A 253 5.42 -5.01 0.80
N VAL A 254 6.13 -4.95 -0.32
CA VAL A 254 7.28 -5.81 -0.51
C VAL A 254 8.38 -5.56 0.53
N ILE A 255 8.65 -4.30 0.87
CA ILE A 255 9.72 -4.02 1.82
C ILE A 255 9.34 -4.52 3.21
N ASP A 256 8.12 -4.21 3.63
CA ASP A 256 7.59 -4.71 4.88
C ASP A 256 7.66 -6.26 4.95
N SER A 257 7.06 -6.93 3.98
CA SER A 257 7.00 -8.38 3.99
C SER A 257 8.39 -8.98 4.10
N MET A 258 9.36 -8.36 3.41
CA MET A 258 10.69 -8.92 3.31
C MET A 258 11.56 -8.71 4.55
N LEU A 259 11.24 -7.69 5.35
CA LEU A 259 11.91 -7.53 6.63
C LEU A 259 11.36 -8.60 7.57
N GLN A 260 10.06 -8.87 7.47
CA GLN A 260 9.44 -9.96 8.21
C GLN A 260 10.18 -11.25 7.89
N GLN A 261 10.39 -11.52 6.61
CA GLN A 261 10.97 -12.77 6.19
C GLN A 261 12.41 -12.85 6.65
N ILE A 262 13.11 -11.73 6.58
CA ILE A 262 14.47 -11.70 7.05
C ILE A 262 14.48 -12.08 8.52
N LYS A 263 13.63 -11.41 9.29
CA LYS A 263 13.59 -11.61 10.74
C LYS A 263 13.32 -13.06 11.10
N ASP A 264 12.47 -13.70 10.32
CA ASP A 264 12.00 -15.05 10.61
C ASP A 264 12.94 -16.14 10.09
N LYS A 265 13.37 -16.02 8.83
CA LYS A 265 14.16 -17.06 8.18
C LYS A 265 15.56 -16.59 7.80
N SER A 266 15.81 -15.28 7.87
CA SER A 266 17.08 -14.73 7.40
C SER A 266 17.33 -15.00 5.90
N THR A 267 16.27 -14.97 5.11
CA THR A 267 16.37 -15.06 3.67
C THR A 267 15.51 -13.98 3.01
N VAL A 268 15.75 -13.76 1.72
CA VAL A 268 15.04 -12.72 1.01
C VAL A 268 14.58 -13.29 -0.31
N ASN A 269 13.34 -13.00 -0.70
CA ASN A 269 12.88 -13.33 -2.04
C ASN A 269 12.02 -12.22 -2.60
N VAL A 270 12.66 -11.14 -3.06
CA VAL A 270 11.91 -10.02 -3.61
C VAL A 270 11.20 -10.41 -4.89
N LEU A 271 11.90 -11.11 -5.79
CA LEU A 271 11.36 -11.43 -7.11
C LEU A 271 10.18 -12.40 -7.02
N GLY A 272 10.32 -13.45 -6.23
CA GLY A 272 9.25 -14.41 -6.08
C GLY A 272 8.00 -13.82 -5.47
N PHE A 273 8.18 -12.98 -4.47
CA PHE A 273 7.05 -12.43 -3.72
C PHE A 273 6.30 -11.40 -4.54
N LEU A 274 7.03 -10.63 -5.35
CA LEU A 274 6.39 -9.60 -6.15
C LEU A 274 5.57 -10.23 -7.28
N LYS A 275 6.13 -11.27 -7.89
CA LYS A 275 5.42 -12.05 -8.89
C LYS A 275 4.09 -12.55 -8.35
N HIS A 276 4.12 -13.00 -7.10
CA HIS A 276 2.95 -13.49 -6.42
C HIS A 276 1.89 -12.42 -6.19
N ILE A 277 2.25 -11.32 -5.52
CA ILE A 277 1.21 -10.34 -5.18
C ILE A 277 0.72 -9.60 -6.41
N ARG A 278 1.48 -9.70 -7.49
CA ARG A 278 1.06 -9.14 -8.77
C ARG A 278 -0.20 -9.79 -9.34
N THR A 279 -0.51 -11.01 -8.90
CA THR A 279 -1.76 -11.65 -9.28
C THR A 279 -2.92 -11.07 -8.46
N GLN A 280 -2.58 -10.43 -7.35
CA GLN A 280 -3.58 -9.96 -6.39
C GLN A 280 -4.05 -8.52 -6.59
N ARG A 281 -3.25 -7.73 -7.31
CA ARG A 281 -3.61 -6.35 -7.67
C ARG A 281 -2.68 -5.83 -8.76
N ASN A 282 -3.25 -5.29 -9.82
CA ASN A 282 -2.45 -4.95 -10.99
C ASN A 282 -1.37 -3.90 -10.68
N TYR A 283 -0.22 -4.07 -11.31
CA TYR A 283 0.85 -3.07 -11.32
C TYR A 283 1.40 -2.72 -9.95
N LEU A 284 1.47 -3.67 -9.03
CA LEU A 284 2.09 -3.38 -7.74
C LEU A 284 3.57 -3.30 -7.99
N VAL A 285 4.19 -2.24 -7.46
CA VAL A 285 5.56 -1.86 -7.82
C VAL A 285 5.61 -1.57 -9.33
N GLN A 286 5.31 -0.33 -9.70
CA GLN A 286 4.96 0.02 -11.07
C GLN A 286 6.16 0.39 -11.96
N THR A 287 7.31 0.64 -11.35
CA THR A 287 8.49 0.99 -12.13
C THR A 287 9.71 0.27 -11.61
N GLU A 288 10.67 0.12 -12.50
CA GLU A 288 11.97 -0.40 -12.18
C GLU A 288 12.66 0.39 -11.06
N GLU A 289 12.52 1.72 -11.08
CA GLU A 289 13.17 2.56 -10.07
C GLU A 289 12.64 2.20 -8.68
N GLN A 290 11.33 2.01 -8.57
CA GLN A 290 10.73 1.48 -7.34
C GLN A 290 11.27 0.08 -7.01
N TYR A 291 11.43 -0.76 -8.04
CA TYR A 291 11.92 -2.11 -7.80
C TYR A 291 13.33 -2.02 -7.23
N ILE A 292 14.12 -1.07 -7.72
CA ILE A 292 15.44 -0.85 -7.18
C ILE A 292 15.41 -0.26 -5.76
N PHE A 293 14.50 0.67 -5.53
CA PHE A 293 14.37 1.28 -4.22
C PHE A 293 14.14 0.23 -3.13
N ILE A 294 13.35 -0.80 -3.44
CA ILE A 294 13.08 -1.89 -2.50
C ILE A 294 14.36 -2.54 -2.01
N HIS A 295 15.25 -2.80 -2.94
CA HIS A 295 16.52 -3.41 -2.61
C HIS A 295 17.36 -2.46 -1.74
N ASP A 296 17.39 -1.18 -2.11
CA ASP A 296 18.12 -0.18 -1.33
C ASP A 296 17.63 -0.14 0.11
N ALA A 297 16.33 -0.30 0.29
CA ALA A 297 15.78 -0.25 1.63
C ALA A 297 16.28 -1.47 2.40
N LEU A 298 16.21 -2.63 1.78
CA LEU A 298 16.59 -3.85 2.45
C LEU A 298 18.09 -3.86 2.68
N LEU A 299 18.84 -3.23 1.77
CA LEU A 299 20.28 -3.09 1.98
C LEU A 299 20.58 -2.27 3.24
N GLU A 300 19.90 -1.14 3.40
CA GLU A 300 20.05 -0.32 4.60
C GLU A 300 19.75 -1.12 5.86
N ALA A 301 18.71 -1.96 5.80
CA ALA A 301 18.28 -2.74 6.94
C ALA A 301 19.29 -3.80 7.33
N ILE A 302 20.03 -4.30 6.35
CA ILE A 302 20.96 -5.39 6.61
C ILE A 302 22.30 -4.87 7.06
N LEU A 303 22.83 -3.90 6.31
CA LEU A 303 24.06 -3.24 6.71
C LEU A 303 23.86 -2.59 8.07
N GLY A 304 22.63 -2.14 8.33
CA GLY A 304 22.36 -1.47 9.58
C GLY A 304 22.46 -2.38 10.79
N LYS A 305 22.50 -3.69 10.56
CA LYS A 305 22.49 -4.67 11.63
C LYS A 305 23.87 -5.31 11.81
#